data_3CNY
#
_entry.id   3CNY
#
_cell.length_a   51.235
_cell.length_b   51.553
_cell.length_c   246.908
_cell.angle_alpha   90.000
_cell.angle_beta   90.000
_cell.angle_gamma   90.000
#
_symmetry.space_group_name_H-M   'P 21 21 21'
#
loop_
_entity.id
_entity.type
_entity.pdbx_description
1 polymer 'Inositol catabolism protein IolE'
2 non-polymer 1,2-ETHANEDIOL
3 non-polymer 'ACETATE ION'
4 water water
#
_entity_poly.entity_id   1
_entity_poly.type   'polypeptide(L)'
_entity_poly.pdbx_seq_one_letter_code
;G(MSE)SSKAEKDIKWGIAPIGWRNDDIPSIGKDNNLQQLLSDIVVAGFQGTEVGGFFPGPEKLNYELKLRNLEIAGQWF
SSYIIRDGIEKASEAFEKHCQYLKAINAPVAVVSEQTYTIQRSDTANIFKDKPYFTDKEWDEVCKGLNHYGEIAAKYGLK
VAYHHH(MSE)GTGIQTKEETDRL(MSE)ANTDPKLVGLLYDTGHIAVSDGDY(MSE)ALLNAHIDRVVHVHFKDVRRSK
EEECRAKGLTFQGSFLNG(MSE)FTVPGDGDLDFKPVYDKLIANNYKGWIVVEAEQDPSKANPLE(MSE)AQIAHRYIKQ
HLIEN
;
_entity_poly.pdbx_strand_id   A,B
#
loop_
_chem_comp.id
_chem_comp.type
_chem_comp.name
_chem_comp.formula
ACT non-polymer 'ACETATE ION' 'C2 H3 O2 -1'
EDO non-polymer 1,2-ETHANEDIOL 'C2 H6 O2'
#
# COMPACT_ATOMS: atom_id res chain seq x y z
N MSE A 2 2.12 21.07 -28.66
CA MSE A 2 3.44 20.95 -27.94
C MSE A 2 4.06 19.58 -28.25
O MSE A 2 3.35 18.62 -28.52
CB MSE A 2 3.26 21.17 -26.43
CG MSE A 2 2.12 20.38 -25.81
SE MSE A 2 2.06 20.53 -23.86
CE MSE A 2 1.54 22.45 -23.63
N SER A 3 5.40 19.49 -28.23
CA SER A 3 6.04 18.22 -28.57
C SER A 3 5.83 17.21 -27.45
N SER A 4 5.63 15.95 -27.83
CA SER A 4 5.53 14.87 -26.86
C SER A 4 6.86 14.75 -26.14
N LYS A 5 7.94 15.09 -26.81
CA LYS A 5 9.27 15.11 -26.18
C LYS A 5 9.39 16.14 -25.01
N ALA A 6 8.94 17.38 -25.23
CA ALA A 6 8.86 18.41 -24.18
C ALA A 6 8.07 17.90 -22.95
N GLU A 7 6.93 17.30 -23.22
CA GLU A 7 6.12 16.68 -22.20
C GLU A 7 6.85 15.52 -21.53
N LYS A 8 7.58 14.74 -22.34
CA LYS A 8 8.34 13.60 -21.83
C LYS A 8 9.54 14.05 -20.98
N ASP A 9 9.93 15.31 -21.07
CA ASP A 9 10.99 15.84 -20.20
C ASP A 9 10.49 16.18 -18.79
N ILE A 10 9.17 16.09 -18.58
CA ILE A 10 8.56 16.33 -17.27
CA ILE A 10 8.59 16.34 -17.27
C ILE A 10 8.30 15.01 -16.58
N LYS A 11 8.86 14.85 -15.38
CA LYS A 11 8.57 13.69 -14.53
C LYS A 11 7.52 14.07 -13.48
N TRP A 12 6.50 13.22 -13.33
CA TRP A 12 5.40 13.52 -12.44
C TRP A 12 5.50 12.69 -11.17
N GLY A 13 5.51 13.36 -10.03
CA GLY A 13 5.52 12.72 -8.74
C GLY A 13 4.43 13.23 -7.82
N ILE A 14 4.32 12.60 -6.64
CA ILE A 14 3.41 13.02 -5.61
C ILE A 14 4.09 12.77 -4.27
N ALA A 15 4.00 13.77 -3.39
CA ALA A 15 4.78 13.81 -2.15
C ALA A 15 4.11 13.01 -1.02
N PRO A 16 4.93 12.45 -0.10
CA PRO A 16 4.37 11.59 0.96
C PRO A 16 3.53 12.32 2.01
N ILE A 17 3.63 13.65 2.09
CA ILE A 17 2.96 14.43 3.14
C ILE A 17 1.43 14.30 3.10
N GLY A 18 0.86 13.94 1.97
CA GLY A 18 -0.57 13.67 1.93
C GLY A 18 -0.97 12.35 2.60
N TRP A 19 -0.03 11.45 2.75
CA TRP A 19 -0.24 10.19 3.46
C TRP A 19 0.07 10.32 4.92
N ARG A 20 1.12 11.05 5.24
CA ARG A 20 1.60 11.03 6.61
C ARG A 20 2.48 12.24 6.86
N ASN A 21 2.29 12.86 8.03
CA ASN A 21 2.90 14.13 8.36
C ASN A 21 4.02 13.91 9.36
N ASP A 22 5.15 14.59 9.16
CA ASP A 22 6.29 14.48 10.08
C ASP A 22 6.25 15.49 11.21
N ASP A 23 5.75 16.68 10.92
CA ASP A 23 5.68 17.75 11.92
C ASP A 23 4.63 17.49 12.97
N ILE A 24 3.56 16.80 12.57
CA ILE A 24 2.49 16.41 13.49
C ILE A 24 2.38 14.90 13.34
N PRO A 25 3.22 14.16 14.09
CA PRO A 25 3.38 12.74 13.83
C PRO A 25 2.11 11.90 13.89
N SER A 26 1.11 12.36 14.61
CA SER A 26 -0.13 11.65 14.72
C SER A 26 -0.90 11.63 13.43
N ILE A 27 -0.69 12.63 12.56
CA ILE A 27 -1.40 12.73 11.29
C ILE A 27 -0.85 11.70 10.29
N GLY A 28 -1.69 10.72 9.98
CA GLY A 28 -1.34 9.60 9.12
C GLY A 28 -0.34 8.67 9.77
N LYS A 29 -0.27 8.66 11.09
CA LYS A 29 0.76 7.88 11.79
C LYS A 29 0.81 6.41 11.37
N ASP A 30 -0.34 5.81 11.13
CA ASP A 30 -0.44 4.40 10.79
C ASP A 30 -0.35 4.10 9.28
N ASN A 31 -0.09 5.14 8.48
CA ASN A 31 0.19 4.94 7.07
C ASN A 31 1.68 4.67 6.97
N ASN A 32 2.09 3.98 5.91
CA ASN A 32 3.48 3.59 5.76
C ASN A 32 4.06 3.78 4.36
N LEU A 33 5.39 3.55 4.24
CA LEU A 33 6.11 3.71 2.99
C LEU A 33 5.55 2.81 1.91
N GLN A 34 5.30 1.56 2.25
CA GLN A 34 4.83 0.60 1.24
C GLN A 34 3.47 0.98 0.63
N GLN A 35 2.53 1.40 1.49
CA GLN A 35 1.21 1.91 1.09
C GLN A 35 1.33 3.10 0.14
N LEU A 36 2.09 4.11 0.55
CA LEU A 36 2.20 5.29 -0.32
C LEU A 36 2.85 4.94 -1.66
N LEU A 37 3.87 4.08 -1.68
CA LEU A 37 4.55 3.77 -2.94
C LEU A 37 3.61 2.97 -3.86
N SER A 38 2.92 1.99 -3.33
CA SER A 38 2.00 1.21 -4.19
C SER A 38 0.77 2.06 -4.59
N ASP A 39 0.28 2.91 -3.68
CA ASP A 39 -0.79 3.91 -4.02
C ASP A 39 -0.36 4.77 -5.20
N ILE A 40 0.89 5.21 -5.18
CA ILE A 40 1.47 6.00 -6.26
C ILE A 40 1.46 5.28 -7.61
N VAL A 41 1.79 3.99 -7.61
CA VAL A 41 1.72 3.19 -8.83
C VAL A 41 0.28 3.11 -9.29
N VAL A 42 -0.62 2.85 -8.34
CA VAL A 42 -2.07 2.69 -8.65
C VAL A 42 -2.60 3.98 -9.27
N ALA A 43 -2.17 5.12 -8.73
CA ALA A 43 -2.62 6.44 -9.20
C ALA A 43 -1.99 6.88 -10.51
N GLY A 44 -0.80 6.35 -10.85
CA GLY A 44 -0.16 6.62 -12.12
C GLY A 44 1.03 7.57 -12.09
N PHE A 45 1.56 7.86 -10.91
CA PHE A 45 2.73 8.74 -10.81
C PHE A 45 3.99 7.91 -10.86
N GLN A 46 5.13 8.57 -11.10
CA GLN A 46 6.40 7.90 -11.36
C GLN A 46 7.38 8.02 -10.17
N GLY A 47 6.97 8.71 -9.11
CA GLY A 47 7.87 8.93 -7.97
C GLY A 47 7.32 9.73 -6.84
N THR A 48 8.17 10.05 -5.86
CA THR A 48 7.70 10.74 -4.68
C THR A 48 8.91 11.46 -4.11
N GLU A 49 8.72 12.14 -3.00
CA GLU A 49 9.87 12.78 -2.31
C GLU A 49 10.09 12.06 -1.00
N VAL A 50 11.17 12.40 -0.31
CA VAL A 50 11.50 11.72 0.93
C VAL A 50 10.75 12.26 2.16
N GLY A 51 9.94 11.41 2.79
CA GLY A 51 9.27 11.70 4.05
C GLY A 51 10.24 11.49 5.20
N GLY A 52 9.98 12.15 6.31
CA GLY A 52 10.85 12.01 7.46
C GLY A 52 10.86 10.63 8.07
N PHE A 53 9.78 9.87 7.86
CA PHE A 53 9.64 8.53 8.39
C PHE A 53 10.24 7.47 7.47
N PHE A 54 10.72 7.89 6.30
CA PHE A 54 11.32 6.98 5.35
C PHE A 54 12.56 6.29 5.95
N PRO A 55 12.85 5.09 5.46
CA PRO A 55 14.03 4.36 5.93
C PRO A 55 15.34 4.81 5.28
N GLY A 56 16.40 4.06 5.57
CA GLY A 56 17.68 4.27 4.95
C GLY A 56 17.68 3.87 3.51
N PRO A 57 18.76 4.20 2.80
CA PRO A 57 18.83 4.02 1.34
C PRO A 57 18.65 2.60 0.83
N GLU A 58 19.18 1.63 1.55
CA GLU A 58 19.10 0.25 1.08
C GLU A 58 17.64 -0.22 1.03
N LYS A 59 16.92 -0.02 2.13
CA LYS A 59 15.51 -0.40 2.20
C LYS A 59 14.65 0.43 1.24
N LEU A 60 14.88 1.74 1.23
CA LEU A 60 14.11 2.62 0.35
C LEU A 60 14.35 2.24 -1.11
N ASN A 61 15.60 2.09 -1.51
CA ASN A 61 15.89 1.66 -2.89
C ASN A 61 15.22 0.34 -3.28
N TYR A 62 15.25 -0.63 -2.37
CA TYR A 62 14.63 -1.92 -2.57
C TYR A 62 13.15 -1.78 -2.82
N GLU A 63 12.47 -1.02 -1.97
CA GLU A 63 11.01 -0.83 -2.10
C GLU A 63 10.70 -0.02 -3.35
N LEU A 64 11.56 0.93 -3.69
CA LEU A 64 11.33 1.69 -4.93
C LEU A 64 11.48 0.78 -6.14
N LYS A 65 12.50 -0.10 -6.12
CA LYS A 65 12.78 -0.94 -7.27
C LYS A 65 11.67 -1.96 -7.55
N LEU A 66 11.06 -2.50 -6.48
CA LEU A 66 9.89 -3.42 -6.65
C LEU A 66 8.75 -2.79 -7.44
N ARG A 67 8.68 -1.46 -7.39
CA ARG A 67 7.54 -0.70 -7.93
C ARG A 67 7.90 0.19 -9.11
N ASN A 68 9.16 0.09 -9.56
CA ASN A 68 9.69 0.91 -10.65
C ASN A 68 9.43 2.39 -10.40
N LEU A 69 9.81 2.88 -9.22
CA LEU A 69 9.59 4.26 -8.83
C LEU A 69 10.91 4.96 -8.51
N GLU A 70 10.88 6.29 -8.57
CA GLU A 70 12.06 7.13 -8.29
C GLU A 70 11.81 8.13 -7.18
N ILE A 71 12.89 8.73 -6.66
CA ILE A 71 12.80 9.82 -5.69
C ILE A 71 13.16 11.14 -6.40
N ALA A 72 12.27 12.11 -6.28
CA ALA A 72 12.37 13.42 -6.93
C ALA A 72 13.29 14.32 -6.14
N GLY A 73 13.28 14.18 -4.82
CA GLY A 73 14.08 15.03 -3.98
C GLY A 73 13.74 14.91 -2.53
N GLN A 74 14.39 15.71 -1.71
CA GLN A 74 14.14 15.74 -0.28
C GLN A 74 14.33 17.13 0.30
N TRP A 75 13.43 17.50 1.21
CA TRP A 75 13.51 18.72 2.01
C TRP A 75 14.75 18.79 2.89
N PHE A 76 15.39 19.94 2.91
CA PHE A 76 16.46 20.22 3.89
C PHE A 76 16.15 21.50 4.68
N SER A 77 16.10 21.39 6.02
CA SER A 77 15.95 22.54 6.88
C SER A 77 17.31 23.20 7.10
N SER A 78 17.51 24.36 6.48
CA SER A 78 18.77 25.11 6.59
C SER A 78 18.76 26.06 7.77
N TYR A 79 19.86 26.11 8.50
CA TYR A 79 19.98 27.00 9.66
C TYR A 79 21.31 27.72 9.61
N ILE A 80 21.58 28.28 8.43
CA ILE A 80 22.73 29.14 8.19
C ILE A 80 22.76 30.26 9.21
N ILE A 81 21.63 30.93 9.44
CA ILE A 81 21.59 32.06 10.35
C ILE A 81 21.81 31.57 11.77
N ARG A 82 21.08 30.56 12.18
CA ARG A 82 21.14 30.08 13.57
C ARG A 82 22.50 29.48 13.87
N ASP A 83 22.99 28.64 12.97
CA ASP A 83 24.14 27.76 13.27
C ASP A 83 25.42 28.17 12.60
N GLY A 84 25.36 29.08 11.65
CA GLY A 84 26.52 29.45 10.86
C GLY A 84 26.76 28.50 9.70
N ILE A 85 27.34 29.02 8.64
CA ILE A 85 27.50 28.26 7.41
C ILE A 85 28.32 26.95 7.55
N GLU A 86 29.28 26.92 8.47
CA GLU A 86 30.09 25.71 8.69
C GLU A 86 29.26 24.55 9.20
N LYS A 87 28.53 24.76 10.29
CA LYS A 87 27.67 23.74 10.85
C LYS A 87 26.55 23.37 9.87
N ALA A 88 25.94 24.37 9.24
CA ALA A 88 24.83 24.12 8.31
C ALA A 88 25.29 23.30 7.12
N SER A 89 26.48 23.61 6.63
CA SER A 89 27.05 22.91 5.46
C SER A 89 27.34 21.42 5.75
N GLU A 90 27.71 21.13 6.98
CA GLU A 90 27.89 19.75 7.44
C GLU A 90 26.57 18.96 7.38
N ALA A 91 25.49 19.56 7.90
CA ALA A 91 24.17 18.96 7.80
C ALA A 91 23.75 18.77 6.35
N PHE A 92 24.02 19.77 5.52
CA PHE A 92 23.62 19.73 4.13
C PHE A 92 24.38 18.63 3.38
N GLU A 93 25.67 18.49 3.65
CA GLU A 93 26.44 17.47 2.94
C GLU A 93 25.90 16.06 3.26
N LYS A 94 25.42 15.83 4.48
CA LYS A 94 24.80 14.55 4.82
C LYS A 94 23.51 14.29 4.03
N HIS A 95 22.69 15.32 3.82
CA HIS A 95 21.52 15.16 2.94
C HIS A 95 21.93 14.83 1.53
N CYS A 96 22.96 15.50 1.07
CA CYS A 96 23.51 15.26 -0.25
C CYS A 96 23.93 13.80 -0.44
N GLN A 97 24.59 13.25 0.55
CA GLN A 97 25.06 11.85 0.53
C GLN A 97 23.85 10.91 0.41
N TYR A 98 22.80 11.23 1.16
CA TYR A 98 21.57 10.43 1.17
C TYR A 98 20.86 10.47 -0.18
N LEU A 99 20.68 11.69 -0.72
CA LEU A 99 20.13 11.89 -2.05
C LEU A 99 20.88 11.14 -3.16
N LYS A 100 22.20 11.21 -3.14
CA LYS A 100 22.95 10.47 -4.13
C LYS A 100 22.72 8.94 -3.98
N ALA A 101 22.70 8.46 -2.74
CA ALA A 101 22.51 7.05 -2.42
C ALA A 101 21.19 6.51 -2.99
N ILE A 102 20.17 7.37 -3.01
CA ILE A 102 18.85 7.00 -3.57
C ILE A 102 18.56 7.54 -4.99
N ASN A 103 19.61 8.04 -5.64
CA ASN A 103 19.53 8.48 -7.03
CA ASN A 103 19.59 8.56 -7.03
C ASN A 103 18.54 9.65 -7.27
N ALA A 104 18.42 10.54 -6.29
CA ALA A 104 17.50 11.67 -6.33
C ALA A 104 18.28 12.90 -6.86
N PRO A 105 17.64 13.70 -7.72
CA PRO A 105 18.35 14.84 -8.32
C PRO A 105 18.44 16.16 -7.55
N VAL A 106 17.54 16.38 -6.58
CA VAL A 106 17.26 17.71 -6.04
C VAL A 106 17.23 17.72 -4.53
N ALA A 107 18.01 18.66 -3.96
CA ALA A 107 17.91 19.06 -2.56
C ALA A 107 16.99 20.29 -2.46
N VAL A 108 15.85 20.12 -1.80
CA VAL A 108 14.87 21.19 -1.65
C VAL A 108 15.16 21.91 -0.35
N VAL A 109 15.63 23.14 -0.44
CA VAL A 109 16.18 23.86 0.73
C VAL A 109 15.31 25.06 1.15
N SER A 110 15.09 25.21 2.46
CA SER A 110 14.48 26.42 2.98
C SER A 110 15.30 26.87 4.19
N GLU A 111 15.70 28.13 4.24
CA GLU A 111 16.29 28.69 5.48
C GLU A 111 15.21 28.80 6.52
N GLN A 112 15.33 27.96 7.55
CA GLN A 112 14.34 27.76 8.54
C GLN A 112 14.55 28.58 9.82
N THR A 113 15.65 29.30 9.93
CA THR A 113 15.85 30.09 11.15
C THR A 113 14.68 31.04 11.28
N TYR A 114 14.11 31.07 12.47
CA TYR A 114 12.98 31.93 12.86
C TYR A 114 11.63 31.54 12.25
N THR A 115 11.56 30.42 11.53
CA THR A 115 10.27 30.08 10.91
C THR A 115 9.16 29.94 11.97
N ILE A 116 7.94 30.32 11.60
CA ILE A 116 6.75 30.11 12.40
C ILE A 116 5.87 28.98 11.88
N GLN A 117 6.36 28.22 10.91
CA GLN A 117 5.52 27.22 10.21
C GLN A 117 5.15 26.03 11.13
N ARG A 118 5.88 25.83 12.20
CA ARG A 118 5.58 24.76 13.16
CA ARG A 118 5.57 24.76 13.17
C ARG A 118 5.08 25.33 14.49
N SER A 119 4.76 26.62 14.50
CA SER A 119 4.21 27.30 15.67
C SER A 119 2.83 26.82 16.09
N ASP A 120 2.63 26.75 17.40
CA ASP A 120 1.32 26.49 17.96
C ASP A 120 0.48 27.75 18.10
N THR A 121 1.07 28.93 17.95
CA THR A 121 0.35 30.15 18.17
C THR A 121 0.45 31.18 17.04
N ALA A 122 1.58 31.27 16.33
CA ALA A 122 1.82 32.39 15.40
C ALA A 122 0.85 32.30 14.20
N ASN A 123 0.22 33.44 13.91
CA ASN A 123 -0.71 33.62 12.78
C ASN A 123 0.13 33.52 11.51
N ILE A 124 -0.15 32.54 10.66
CA ILE A 124 0.76 32.29 9.53
C ILE A 124 0.63 33.43 8.52
N PHE A 125 -0.44 34.20 8.63
CA PHE A 125 -0.72 35.28 7.65
C PHE A 125 -0.14 36.60 8.02
N LYS A 126 0.32 36.76 9.27
CA LYS A 126 0.80 38.05 9.75
C LYS A 126 2.12 38.02 10.50
N ASP A 127 2.51 36.88 11.06
CA ASP A 127 3.60 36.85 12.06
C ASP A 127 4.92 36.30 11.54
N LYS A 128 5.14 36.34 10.24
CA LYS A 128 6.39 35.78 9.73
C LYS A 128 7.59 36.61 10.13
N PRO A 129 8.77 35.97 10.14
CA PRO A 129 10.01 36.69 10.41
C PRO A 129 10.58 37.42 9.20
N TYR A 130 11.52 38.32 9.45
CA TYR A 130 12.23 39.05 8.40
C TYR A 130 13.72 38.91 8.71
N PHE A 131 14.50 38.43 7.76
CA PHE A 131 15.94 38.41 7.91
C PHE A 131 16.53 39.83 7.80
N THR A 132 17.53 40.14 8.61
CA THR A 132 18.24 41.38 8.48
C THR A 132 19.13 41.37 7.22
N ASP A 133 19.67 42.52 6.84
CA ASP A 133 20.57 42.60 5.70
C ASP A 133 21.76 41.69 5.87
N LYS A 134 22.33 41.66 7.07
CA LYS A 134 23.48 40.79 7.30
C LYS A 134 23.14 39.30 7.23
N GLU A 135 21.97 38.92 7.74
CA GLU A 135 21.49 37.53 7.65
C GLU A 135 21.22 37.15 6.20
N TRP A 136 20.69 38.09 5.42
CA TRP A 136 20.51 37.89 3.97
C TRP A 136 21.83 37.60 3.26
N ASP A 137 22.87 38.34 3.64
CA ASP A 137 24.19 38.08 3.10
C ASP A 137 24.68 36.66 3.43
N GLU A 138 24.56 36.27 4.70
CA GLU A 138 24.91 34.93 5.22
C GLU A 138 24.18 33.86 4.37
N VAL A 139 22.90 34.08 4.21
CA VAL A 139 22.04 33.09 3.54
C VAL A 139 22.38 32.95 2.08
N CYS A 140 22.56 34.05 1.35
CA CYS A 140 22.88 33.98 -0.04
C CYS A 140 24.27 33.36 -0.28
N LYS A 141 25.24 33.74 0.56
CA LYS A 141 26.56 33.09 0.52
C LYS A 141 26.46 31.57 0.83
N GLY A 142 25.73 31.26 1.89
CA GLY A 142 25.50 29.90 2.33
C GLY A 142 24.86 29.05 1.26
N LEU A 143 23.85 29.58 0.57
CA LEU A 143 23.13 28.81 -0.49
C LEU A 143 24.01 28.56 -1.72
N ASN A 144 24.80 29.55 -2.13
CA ASN A 144 25.80 29.36 -3.20
C ASN A 144 26.74 28.21 -2.80
N HIS A 145 27.17 28.22 -1.55
CA HIS A 145 28.00 27.17 -1.06
C HIS A 145 27.28 25.83 -1.10
N TYR A 146 26.02 25.76 -0.69
CA TYR A 146 25.22 24.51 -0.85
C TYR A 146 25.28 24.05 -2.30
N GLY A 147 25.18 24.99 -3.23
CA GLY A 147 25.19 24.67 -4.66
C GLY A 147 26.53 24.04 -5.05
N GLU A 148 27.62 24.58 -4.51
CA GLU A 148 28.93 23.99 -4.73
C GLU A 148 29.01 22.59 -4.13
N ILE A 149 28.51 22.41 -2.91
CA ILE A 149 28.54 21.12 -2.21
C ILE A 149 27.80 20.10 -3.07
N ALA A 150 26.63 20.51 -3.55
CA ALA A 150 25.70 19.65 -4.29
C ALA A 150 26.25 19.21 -5.65
N ALA A 151 26.94 20.12 -6.32
CA ALA A 151 27.57 19.84 -7.61
C ALA A 151 28.42 18.57 -7.54
N LYS A 152 29.11 18.39 -6.42
CA LYS A 152 29.98 17.24 -6.19
C LYS A 152 29.21 15.93 -6.33
N TYR A 153 27.95 15.94 -5.89
CA TYR A 153 27.06 14.78 -5.91
C TYR A 153 26.15 14.71 -7.12
N GLY A 154 26.30 15.62 -8.06
CA GLY A 154 25.45 15.63 -9.23
C GLY A 154 24.05 16.17 -8.92
N LEU A 155 23.94 16.92 -7.83
CA LEU A 155 22.66 17.39 -7.29
C LEU A 155 22.42 18.87 -7.59
N LYS A 156 21.13 19.24 -7.65
CA LYS A 156 20.72 20.62 -7.79
C LYS A 156 20.05 21.10 -6.49
N VAL A 157 20.35 22.34 -6.12
CA VAL A 157 19.68 23.01 -5.02
C VAL A 157 18.49 23.79 -5.55
N ALA A 158 17.32 23.50 -4.99
CA ALA A 158 16.10 24.21 -5.28
C ALA A 158 15.59 24.90 -4.02
N TYR A 159 15.63 26.25 -4.00
CA TYR A 159 15.20 27.06 -2.86
C TYR A 159 13.68 27.18 -2.82
N HIS A 160 13.12 26.78 -1.68
CA HIS A 160 11.68 26.69 -1.41
C HIS A 160 11.21 27.95 -0.67
N HIS A 161 10.72 28.92 -1.43
CA HIS A 161 9.93 30.03 -0.84
C HIS A 161 8.76 29.37 -0.08
N HIS A 162 8.46 29.88 1.10
CA HIS A 162 7.63 29.13 2.05
C HIS A 162 6.93 30.07 3.02
N MSE A 163 5.66 29.81 3.26
CA MSE A 163 4.90 30.52 4.24
C MSE A 163 5.61 30.47 5.60
O MSE A 163 6.04 29.41 6.03
CB MSE A 163 3.52 29.92 4.40
CG MSE A 163 2.60 30.10 3.22
SE MSE A 163 2.29 31.92 2.71
CE MSE A 163 1.61 32.66 4.30
N GLY A 164 5.68 31.61 6.24
CA GLY A 164 6.17 31.69 7.64
C GLY A 164 7.66 31.76 7.78
N THR A 165 8.36 31.89 6.66
CA THR A 165 9.81 31.96 6.62
C THR A 165 10.26 33.38 6.21
N GLY A 166 11.57 33.62 6.31
CA GLY A 166 12.14 34.88 5.84
C GLY A 166 12.12 35.11 4.35
N ILE A 167 11.82 34.05 3.59
CA ILE A 167 11.75 34.10 2.12
C ILE A 167 10.41 33.46 1.75
N GLN A 168 9.39 34.29 1.76
CA GLN A 168 8.03 33.88 1.48
C GLN A 168 7.46 34.61 0.26
N THR A 169 7.58 35.93 0.25
CA THR A 169 6.91 36.75 -0.80
C THR A 169 7.66 36.70 -2.13
N LYS A 170 7.02 37.12 -3.22
CA LYS A 170 7.71 37.24 -4.49
C LYS A 170 8.90 38.21 -4.36
N GLU A 171 8.69 39.32 -3.68
CA GLU A 171 9.76 40.29 -3.51
C GLU A 171 10.97 39.74 -2.78
N GLU A 172 10.72 38.95 -1.73
CA GLU A 172 11.79 38.22 -1.04
C GLU A 172 12.49 37.21 -1.96
N THR A 173 11.72 36.46 -2.75
CA THR A 173 12.28 35.55 -3.73
C THR A 173 13.12 36.28 -4.78
N ASP A 174 12.64 37.44 -5.22
CA ASP A 174 13.36 38.27 -6.18
C ASP A 174 14.72 38.61 -5.60
N ARG A 175 14.72 39.00 -4.32
CA ARG A 175 15.99 39.38 -3.66
C ARG A 175 16.96 38.19 -3.61
N LEU A 176 16.42 37.02 -3.29
CA LEU A 176 17.25 35.82 -3.23
C LEU A 176 17.81 35.51 -4.62
N MSE A 177 16.95 35.49 -5.62
CA MSE A 177 17.39 35.21 -6.98
C MSE A 177 18.49 36.21 -7.48
O MSE A 177 19.47 35.82 -8.12
CB MSE A 177 16.21 35.21 -7.91
CG MSE A 177 15.20 34.09 -7.70
SE MSE A 177 15.89 32.29 -8.01
CE MSE A 177 16.34 31.77 -6.28
N ALA A 178 18.32 37.48 -7.14
CA ALA A 178 19.24 38.54 -7.59
C ALA A 178 20.60 38.49 -6.90
N ASN A 179 20.67 37.77 -5.79
CA ASN A 179 21.89 37.73 -4.97
C ASN A 179 22.46 36.33 -4.77
N THR A 180 22.04 35.39 -5.61
CA THR A 180 22.65 34.08 -5.64
C THR A 180 23.06 33.77 -7.10
N ASP A 181 23.99 32.84 -7.24
CA ASP A 181 24.51 32.45 -8.53
C ASP A 181 23.52 31.48 -9.19
N PRO A 182 23.06 31.78 -10.41
CA PRO A 182 22.10 30.85 -11.04
C PRO A 182 22.64 29.45 -11.33
N LYS A 183 23.96 29.33 -11.40
CA LYS A 183 24.61 28.05 -11.61
C LYS A 183 24.58 27.20 -10.37
N LEU A 184 24.42 27.84 -9.20
CA LEU A 184 24.46 27.18 -7.92
C LEU A 184 23.13 27.05 -7.15
N VAL A 185 22.24 28.05 -7.30
CA VAL A 185 20.98 28.09 -6.56
C VAL A 185 19.81 28.18 -7.58
N GLY A 186 18.97 27.16 -7.58
CA GLY A 186 17.81 27.12 -8.45
C GLY A 186 16.61 27.44 -7.58
N LEU A 187 15.43 27.51 -8.17
CA LEU A 187 14.23 27.79 -7.46
C LEU A 187 13.31 26.58 -7.43
N LEU A 188 12.76 26.34 -6.25
CA LEU A 188 11.60 25.46 -6.13
CA LEU A 188 11.61 25.46 -6.11
C LEU A 188 10.37 26.34 -6.22
N TYR A 189 9.64 26.19 -7.32
CA TYR A 189 8.40 26.91 -7.52
C TYR A 189 7.23 26.12 -6.95
N ASP A 190 6.54 26.70 -5.96
CA ASP A 190 5.42 26.05 -5.32
C ASP A 190 4.22 26.95 -5.47
N THR A 191 3.20 26.50 -6.23
CA THR A 191 2.06 27.30 -6.47
C THR A 191 1.28 27.76 -5.24
N GLY A 192 1.15 26.87 -4.24
CA GLY A 192 0.29 27.12 -3.12
C GLY A 192 0.91 28.08 -2.15
N HIS A 193 2.21 27.94 -1.94
CA HIS A 193 2.91 28.83 -1.04
C HIS A 193 2.90 30.25 -1.55
N ILE A 194 3.07 30.42 -2.86
CA ILE A 194 3.03 31.78 -3.43
C ILE A 194 1.61 32.31 -3.51
N ALA A 195 0.63 31.47 -3.88
CA ALA A 195 -0.77 31.94 -3.93
C ALA A 195 -1.23 32.47 -2.59
N VAL A 196 -0.87 31.78 -1.51
CA VAL A 196 -1.33 32.17 -0.20
C VAL A 196 -0.56 33.42 0.29
N SER A 197 0.73 33.49 -0.03
CA SER A 197 1.53 34.63 0.41
C SER A 197 1.03 35.93 -0.24
N ASP A 198 0.88 35.87 -1.56
CA ASP A 198 0.79 37.06 -2.41
C ASP A 198 -0.53 37.18 -3.17
N GLY A 199 -1.38 36.17 -3.08
CA GLY A 199 -2.63 36.24 -3.77
C GLY A 199 -2.50 36.08 -5.26
N ASP A 200 -1.38 35.50 -5.70
CA ASP A 200 -1.02 35.41 -7.14
C ASP A 200 0.07 34.34 -7.22
N TYR A 201 -0.02 33.46 -8.21
CA TYR A 201 1.07 32.50 -8.48
C TYR A 201 1.83 32.67 -9.80
N MSE A 202 1.25 33.37 -10.77
CA MSE A 202 1.87 33.50 -12.08
C MSE A 202 3.02 34.55 -12.13
O MSE A 202 3.98 34.36 -12.84
CB MSE A 202 0.84 33.78 -13.14
CG MSE A 202 -0.13 32.63 -13.34
SE MSE A 202 0.81 31.08 -14.00
CE MSE A 202 1.58 31.77 -15.55
N ALA A 203 2.89 35.63 -11.38
CA ALA A 203 3.95 36.63 -11.33
C ALA A 203 5.33 36.07 -10.96
N LEU A 204 5.41 35.27 -9.88
CA LEU A 204 6.66 34.63 -9.48
C LEU A 204 7.19 33.73 -10.58
N LEU A 205 6.31 32.95 -11.20
CA LEU A 205 6.75 32.03 -12.26
C LEU A 205 7.34 32.82 -13.42
N ASN A 206 6.63 33.86 -13.83
CA ASN A 206 7.02 34.65 -14.98
C ASN A 206 8.33 35.33 -14.76
N ALA A 207 8.54 35.78 -13.53
CA ALA A 207 9.77 36.49 -13.16
C ALA A 207 10.98 35.59 -13.13
N HIS A 208 10.83 34.32 -12.75
CA HIS A 208 11.97 33.46 -12.55
C HIS A 208 11.89 32.08 -13.18
N ILE A 209 11.11 31.96 -14.27
CA ILE A 209 11.01 30.72 -14.99
C ILE A 209 12.38 30.13 -15.34
N ASP A 210 13.34 30.98 -15.67
CA ASP A 210 14.71 30.57 -16.01
C ASP A 210 15.46 29.88 -14.90
N ARG A 211 15.07 30.13 -13.65
CA ARG A 211 15.72 29.58 -12.47
C ARG A 211 14.98 28.38 -11.84
N VAL A 212 13.82 28.03 -12.39
CA VAL A 212 13.01 26.96 -11.81
C VAL A 212 13.64 25.62 -12.15
N VAL A 213 14.01 24.86 -11.12
CA VAL A 213 14.68 23.55 -11.28
C VAL A 213 13.89 22.42 -10.68
N HIS A 214 12.84 22.76 -9.93
CA HIS A 214 11.94 21.76 -9.33
C HIS A 214 10.61 22.42 -9.09
N VAL A 215 9.50 21.70 -9.28
CA VAL A 215 8.19 22.28 -9.16
C VAL A 215 7.31 21.46 -8.19
N HIS A 216 6.58 22.18 -7.32
CA HIS A 216 5.51 21.61 -6.50
C HIS A 216 4.16 22.17 -6.90
N PHE A 217 3.25 21.24 -7.26
CA PHE A 217 1.86 21.55 -7.49
C PHE A 217 1.09 21.36 -6.21
N LYS A 218 0.75 22.48 -5.57
CA LYS A 218 -0.08 22.53 -4.35
C LYS A 218 -1.27 23.41 -4.61
N ASP A 219 -2.46 22.81 -4.60
CA ASP A 219 -3.66 23.56 -4.86
C ASP A 219 -4.17 24.17 -3.58
N VAL A 220 -5.08 25.14 -3.74
CA VAL A 220 -5.60 25.90 -2.63
C VAL A 220 -7.14 25.86 -2.72
N ARG A 221 -7.76 25.65 -1.56
CA ARG A 221 -9.21 25.75 -1.41
C ARG A 221 -9.44 27.17 -0.96
N ARG A 222 -9.84 28.04 -1.90
CA ARG A 222 -9.87 29.46 -1.60
C ARG A 222 -10.79 29.84 -0.42
N SER A 223 -11.97 29.24 -0.36
CA SER A 223 -12.89 29.54 0.71
C SER A 223 -12.28 29.15 2.08
N LYS A 224 -11.54 28.05 2.14
CA LYS A 224 -10.82 27.67 3.37
C LYS A 224 -9.67 28.63 3.71
N GLU A 225 -8.88 29.04 2.71
CA GLU A 225 -7.87 30.08 2.89
C GLU A 225 -8.49 31.29 3.56
N GLU A 226 -9.60 31.76 3.01
CA GLU A 226 -10.31 32.95 3.48
C GLU A 226 -10.66 32.83 4.96
N GLU A 227 -11.22 31.66 5.32
CA GLU A 227 -11.60 31.34 6.70
CA GLU A 227 -11.60 31.36 6.70
C GLU A 227 -10.39 31.27 7.63
N CYS A 228 -9.35 30.57 7.19
CA CYS A 228 -8.11 30.55 7.93
C CYS A 228 -7.51 31.93 8.20
N ARG A 229 -7.52 32.79 7.19
CA ARG A 229 -6.95 34.12 7.28
C ARG A 229 -7.79 34.91 8.27
N ALA A 230 -9.10 34.82 8.09
CA ALA A 230 -10.06 35.48 8.98
C ALA A 230 -9.89 35.09 10.46
N LYS A 231 -9.50 33.84 10.72
CA LYS A 231 -9.28 33.36 12.07
C LYS A 231 -7.86 33.54 12.55
N GLY A 232 -6.96 33.91 11.66
CA GLY A 232 -5.56 34.08 12.01
C GLY A 232 -4.90 32.78 12.48
N LEU A 233 -5.16 31.70 11.74
CA LEU A 233 -4.64 30.41 12.11
C LEU A 233 -3.14 30.28 11.90
N THR A 234 -2.59 29.24 12.50
CA THR A 234 -1.23 28.84 12.29
C THR A 234 -1.17 28.14 10.97
N PHE A 235 0.05 27.85 10.52
CA PHE A 235 0.25 27.07 9.29
C PHE A 235 -0.40 25.72 9.44
N GLN A 236 -0.16 25.05 10.59
CA GLN A 236 -0.73 23.72 10.85
C GLN A 236 -2.24 23.77 11.02
N GLY A 237 -2.74 24.74 11.79
CA GLY A 237 -4.18 25.02 11.85
C GLY A 237 -4.81 25.17 10.45
N SER A 238 -4.15 25.92 9.58
CA SER A 238 -4.69 26.16 8.25
C SER A 238 -4.72 24.90 7.41
N PHE A 239 -3.61 24.13 7.34
CA PHE A 239 -3.64 22.89 6.57
C PHE A 239 -4.56 21.81 7.16
N LEU A 240 -4.71 21.80 8.49
CA LEU A 240 -5.72 20.92 9.12
C LEU A 240 -7.14 21.43 8.92
N ASN A 241 -7.31 22.68 8.49
CA ASN A 241 -8.62 23.20 8.11
C ASN A 241 -8.85 23.20 6.58
N GLY A 242 -8.03 22.48 5.83
CA GLY A 242 -8.28 22.24 4.42
C GLY A 242 -7.80 23.35 3.48
N MSE A 243 -6.88 24.23 3.92
CA MSE A 243 -6.42 25.27 3.00
C MSE A 243 -5.75 24.72 1.74
O MSE A 243 -5.85 25.33 0.70
CB MSE A 243 -5.44 26.23 3.65
CG MSE A 243 -5.08 27.45 2.76
SE MSE A 243 -4.21 28.80 3.91
CE MSE A 243 -2.56 27.92 4.14
N PHE A 244 -5.01 23.60 1.86
CA PHE A 244 -4.27 23.02 0.74
C PHE A 244 -4.89 21.68 0.28
N THR A 245 -4.82 21.44 -1.03
CA THR A 245 -5.20 20.19 -1.60
C THR A 245 -4.43 19.92 -2.89
N VAL A 246 -4.85 18.90 -3.63
CA VAL A 246 -4.18 18.50 -4.83
C VAL A 246 -4.84 19.14 -6.05
N PRO A 247 -4.08 19.27 -7.15
CA PRO A 247 -4.65 19.74 -8.41
C PRO A 247 -5.91 18.95 -8.74
N GLY A 248 -6.93 19.65 -9.19
CA GLY A 248 -8.26 19.05 -9.47
C GLY A 248 -9.26 19.06 -8.34
N ASP A 249 -8.78 19.38 -7.14
CA ASP A 249 -9.59 19.36 -5.93
C ASP A 249 -9.79 20.72 -5.32
N GLY A 250 -8.98 21.69 -5.74
CA GLY A 250 -9.04 23.05 -5.21
C GLY A 250 -9.30 24.04 -6.33
N ASP A 251 -8.81 25.25 -6.16
CA ASP A 251 -9.22 26.36 -7.05
C ASP A 251 -8.20 26.90 -8.08
N LEU A 252 -6.95 26.48 -8.05
CA LEU A 252 -5.98 27.02 -8.93
C LEU A 252 -6.02 26.32 -10.29
N ASP A 253 -5.90 27.10 -11.35
CA ASP A 253 -5.74 26.51 -12.70
C ASP A 253 -4.27 26.28 -12.98
N PHE A 254 -3.90 25.03 -13.07
CA PHE A 254 -2.50 24.65 -13.25
C PHE A 254 -2.08 24.73 -14.72
N LYS A 255 -3.04 24.95 -15.62
CA LYS A 255 -2.68 24.88 -17.06
C LYS A 255 -1.69 25.98 -17.52
N PRO A 256 -1.89 27.24 -17.11
CA PRO A 256 -0.86 28.25 -17.43
C PRO A 256 0.53 27.99 -16.87
N VAL A 257 0.60 27.32 -15.72
CA VAL A 257 1.88 26.95 -15.13
C VAL A 257 2.57 25.88 -15.97
N TYR A 258 1.83 24.80 -16.28
CA TYR A 258 2.31 23.74 -17.12
C TYR A 258 2.75 24.26 -18.48
N ASP A 259 1.88 25.05 -19.11
CA ASP A 259 2.19 25.61 -20.42
C ASP A 259 3.43 26.48 -20.39
N LYS A 260 3.59 27.26 -19.33
CA LYS A 260 4.80 28.08 -19.17
C LYS A 260 6.06 27.21 -19.07
N LEU A 261 6.02 26.17 -18.25
CA LEU A 261 7.14 25.23 -18.12
C LEU A 261 7.49 24.55 -19.44
N ILE A 262 6.49 24.06 -20.15
CA ILE A 262 6.71 23.42 -21.45
C ILE A 262 7.34 24.40 -22.44
N ALA A 263 6.77 25.59 -22.54
CA ALA A 263 7.25 26.65 -23.44
C ALA A 263 8.71 26.99 -23.14
N ASN A 264 9.11 26.78 -21.90
CA ASN A 264 10.45 27.10 -21.50
C ASN A 264 11.37 25.85 -21.42
N ASN A 265 10.93 24.74 -22.03
CA ASN A 265 11.67 23.51 -22.10
C ASN A 265 12.14 23.00 -20.72
N TYR A 266 11.28 23.15 -19.72
CA TYR A 266 11.56 22.65 -18.39
C TYR A 266 11.82 21.14 -18.42
N LYS A 267 12.94 20.76 -17.84
CA LYS A 267 13.26 19.35 -17.64
CA LYS A 267 13.30 19.36 -17.65
C LYS A 267 13.49 19.11 -16.16
N GLY A 268 12.66 18.25 -15.61
CA GLY A 268 12.70 17.93 -14.21
C GLY A 268 11.35 17.45 -13.73
N TRP A 269 11.14 17.58 -12.43
CA TRP A 269 9.99 17.01 -11.79
C TRP A 269 8.96 18.08 -11.52
N ILE A 270 7.72 17.66 -11.68
CA ILE A 270 6.58 18.31 -11.04
C ILE A 270 6.00 17.35 -9.99
N VAL A 271 6.00 17.77 -8.73
CA VAL A 271 5.56 16.94 -7.63
C VAL A 271 4.30 17.56 -7.02
N VAL A 272 3.20 16.82 -7.07
CA VAL A 272 2.01 17.19 -6.35
C VAL A 272 2.27 17.03 -4.86
N GLU A 273 1.89 18.02 -4.09
CA GLU A 273 2.19 18.06 -2.65
C GLU A 273 1.05 18.78 -1.93
N ALA A 274 0.39 18.10 -0.99
CA ALA A 274 -0.70 18.70 -0.22
C ALA A 274 -0.81 18.06 1.17
N GLU A 275 -0.42 18.87 2.17
CA GLU A 275 -0.57 18.48 3.55
C GLU A 275 -2.04 18.58 3.97
N GLN A 276 -2.59 17.42 4.31
CA GLN A 276 -3.93 17.26 4.77
C GLN A 276 -3.91 16.13 5.80
N ASP A 277 -5.03 15.97 6.53
CA ASP A 277 -5.22 14.84 7.43
C ASP A 277 -5.77 13.74 6.53
N PRO A 278 -5.01 12.64 6.34
CA PRO A 278 -5.42 11.61 5.38
C PRO A 278 -6.65 10.84 5.80
N SER A 279 -7.01 10.92 7.08
CA SER A 279 -8.29 10.39 7.52
C SER A 279 -9.47 11.16 6.97
N LYS A 280 -9.25 12.40 6.51
CA LYS A 280 -10.32 13.23 5.95
C LYS A 280 -10.20 13.33 4.43
N ALA A 281 -8.96 13.47 3.94
CA ALA A 281 -8.71 13.52 2.53
C ALA A 281 -7.89 12.28 2.18
N ASN A 282 -8.59 11.26 1.69
CA ASN A 282 -8.00 9.96 1.50
C ASN A 282 -6.86 10.05 0.54
N PRO A 283 -5.66 9.58 0.94
CA PRO A 283 -4.47 9.85 0.13
C PRO A 283 -4.43 9.22 -1.24
N LEU A 284 -4.97 8.00 -1.39
CA LEU A 284 -5.12 7.43 -2.72
C LEU A 284 -6.12 8.20 -3.58
N GLU A 285 -7.29 8.50 -3.02
CA GLU A 285 -8.31 9.25 -3.74
C GLU A 285 -7.77 10.59 -4.21
N MSE A 286 -7.04 11.30 -3.33
CA MSE A 286 -6.38 12.53 -3.74
C MSE A 286 -5.41 12.34 -4.89
O MSE A 286 -5.42 13.13 -5.85
CB MSE A 286 -5.66 13.18 -2.56
CG MSE A 286 -6.60 13.69 -1.49
SE MSE A 286 -7.79 15.15 -1.99
CE MSE A 286 -9.49 14.07 -1.93
N ALA A 287 -4.53 11.31 -4.79
CA ALA A 287 -3.59 11.00 -5.82
C ALA A 287 -4.33 10.77 -7.14
N GLN A 288 -5.42 10.03 -7.09
CA GLN A 288 -6.20 9.77 -8.32
C GLN A 288 -6.86 11.03 -8.90
N ILE A 289 -7.41 11.88 -8.03
CA ILE A 289 -8.01 13.14 -8.47
C ILE A 289 -6.94 13.96 -9.18
N ALA A 290 -5.77 14.08 -8.56
CA ALA A 290 -4.65 14.81 -9.16
C ALA A 290 -4.25 14.24 -10.51
N HIS A 291 -4.09 12.92 -10.58
CA HIS A 291 -3.62 12.33 -11.79
C HIS A 291 -4.59 12.50 -12.95
N ARG A 292 -5.86 12.31 -12.69
CA ARG A 292 -6.90 12.47 -13.70
C ARG A 292 -6.96 13.93 -14.20
N TYR A 293 -6.77 14.89 -13.29
CA TYR A 293 -6.74 16.32 -13.68
C TYR A 293 -5.54 16.63 -14.55
N ILE A 294 -4.39 16.04 -14.22
CA ILE A 294 -3.17 16.27 -14.95
C ILE A 294 -3.37 15.72 -16.36
N LYS A 295 -3.95 14.54 -16.43
CA LYS A 295 -4.21 13.94 -17.73
C LYS A 295 -5.24 14.68 -18.54
N GLN A 296 -6.36 15.05 -17.93
CA GLN A 296 -7.47 15.66 -18.65
C GLN A 296 -7.23 17.14 -18.97
N HIS A 297 -6.59 17.89 -18.05
CA HIS A 297 -6.52 19.34 -18.14
C HIS A 297 -5.15 19.88 -18.60
N LEU A 298 -4.07 19.13 -18.38
CA LEU A 298 -2.73 19.62 -18.65
C LEU A 298 -2.04 18.95 -19.83
N ILE A 299 -2.01 17.63 -19.85
CA ILE A 299 -1.21 16.88 -20.82
C ILE A 299 -1.92 16.86 -22.18
N GLU A 300 -1.17 17.07 -23.26
CA GLU A 300 -1.77 17.19 -24.61
C GLU A 300 -1.56 15.98 -25.52
N ASN A 301 -0.40 15.34 -25.40
CA ASN A 301 -0.06 14.16 -26.20
C ASN A 301 -0.43 12.85 -25.50
N MSE B 2 -6.43 -25.37 -24.84
CA MSE B 2 -7.11 -24.88 -23.59
C MSE B 2 -7.91 -23.60 -23.87
O MSE B 2 -7.40 -22.65 -24.48
CB MSE B 2 -6.08 -24.65 -22.47
CG MSE B 2 -6.65 -24.02 -21.20
SE MSE B 2 -5.32 -23.74 -19.78
CE MSE B 2 -5.07 -25.76 -19.16
N SER B 3 -9.15 -23.56 -23.36
CA SER B 3 -10.09 -22.45 -23.61
C SER B 3 -9.70 -21.19 -22.82
N SER B 4 -9.62 -20.06 -23.53
CA SER B 4 -9.45 -18.75 -22.89
C SER B 4 -10.67 -18.44 -22.05
N LYS B 5 -11.85 -18.83 -22.54
CA LYS B 5 -13.11 -18.67 -21.79
C LYS B 5 -13.01 -19.34 -20.40
N ALA B 6 -12.48 -20.57 -20.42
CA ALA B 6 -12.26 -21.35 -19.20
C ALA B 6 -11.35 -20.61 -18.22
N GLU B 7 -10.26 -20.02 -18.72
CA GLU B 7 -9.33 -19.28 -17.89
CA GLU B 7 -9.34 -19.25 -17.85
C GLU B 7 -10.02 -17.98 -17.41
N LYS B 8 -10.87 -17.41 -18.26
CA LYS B 8 -11.62 -16.20 -17.85
C LYS B 8 -12.71 -16.48 -16.79
N ASP B 9 -12.97 -17.74 -16.48
CA ASP B 9 -13.84 -18.10 -15.36
C ASP B 9 -13.10 -18.14 -14.02
N ILE B 10 -11.79 -17.97 -14.05
CA ILE B 10 -10.99 -17.97 -12.85
C ILE B 10 -10.72 -16.54 -12.42
N LYS B 11 -10.88 -16.26 -11.13
CA LYS B 11 -10.51 -14.97 -10.59
C LYS B 11 -9.33 -15.21 -9.68
N TRP B 12 -8.30 -14.39 -9.80
CA TRP B 12 -7.08 -14.64 -9.07
C TRP B 12 -6.91 -13.64 -7.93
N GLY B 13 -6.70 -14.17 -6.74
CA GLY B 13 -6.48 -13.33 -5.58
C GLY B 13 -5.27 -13.71 -4.81
N ILE B 14 -4.95 -12.89 -3.82
CA ILE B 14 -3.88 -13.19 -2.90
C ILE B 14 -4.31 -12.72 -1.50
N ALA B 15 -4.09 -13.59 -0.52
CA ALA B 15 -4.61 -13.41 0.85
C ALA B 15 -3.76 -12.47 1.67
N PRO B 16 -4.39 -11.77 2.62
CA PRO B 16 -3.63 -10.83 3.48
C PRO B 16 -2.64 -11.38 4.47
N ILE B 17 -2.72 -12.67 4.75
CA ILE B 17 -1.84 -13.25 5.74
C ILE B 17 -0.34 -13.11 5.36
N GLY B 18 -0.01 -13.02 4.07
CA GLY B 18 1.37 -12.73 3.65
C GLY B 18 1.92 -11.39 4.15
N TRP B 19 1.01 -10.46 4.41
CA TRP B 19 1.34 -9.11 4.87
C TRP B 19 1.22 -8.96 6.37
N ARG B 20 0.25 -9.64 6.98
CA ARG B 20 -0.05 -9.40 8.39
C ARG B 20 -0.84 -10.57 8.96
N ASN B 21 -0.43 -11.00 10.13
CA ASN B 21 -0.99 -12.20 10.75
C ASN B 21 -1.93 -11.79 11.87
N ASP B 22 -3.07 -12.44 11.97
CA ASP B 22 -4.02 -12.18 13.05
C ASP B 22 -3.80 -13.03 14.30
N ASP B 23 -3.37 -14.28 14.11
CA ASP B 23 -3.16 -15.22 15.24
C ASP B 23 -1.92 -14.82 16.02
N ILE B 24 -0.94 -14.25 15.33
CA ILE B 24 0.27 -13.74 15.98
C ILE B 24 0.40 -12.28 15.58
N PRO B 25 -0.25 -11.38 16.34
CA PRO B 25 -0.45 -10.03 15.86
C PRO B 25 0.80 -9.20 15.65
N SER B 26 1.88 -9.53 16.32
CA SER B 26 3.15 -8.83 16.08
C SER B 26 3.70 -9.04 14.66
N ILE B 27 3.30 -10.13 13.99
CA ILE B 27 3.79 -10.45 12.65
C ILE B 27 3.11 -9.57 11.61
N GLY B 28 3.89 -8.64 11.08
CA GLY B 28 3.41 -7.63 10.13
C GLY B 28 2.44 -6.64 10.73
N LYS B 29 2.61 -6.38 12.04
CA LYS B 29 1.71 -5.53 12.78
C LYS B 29 1.60 -4.15 12.15
N ASP B 30 2.70 -3.63 11.61
CA ASP B 30 2.68 -2.27 11.05
C ASP B 30 2.34 -2.20 9.57
N ASN B 31 1.98 -3.35 9.01
CA ASN B 31 1.40 -3.37 7.67
C ASN B 31 -0.13 -3.10 7.72
N ASN B 32 -0.71 -2.53 6.67
CA ASN B 32 -2.09 -2.13 6.72
C ASN B 32 -2.89 -2.55 5.48
N LEU B 33 -4.18 -2.29 5.54
CA LEU B 33 -5.09 -2.65 4.45
C LEU B 33 -4.75 -1.96 3.14
N GLN B 34 -4.48 -0.66 3.19
CA GLN B 34 -4.27 0.13 1.97
C GLN B 34 -3.01 -0.36 1.26
N GLN B 35 -1.98 -0.62 2.04
CA GLN B 35 -0.76 -1.25 1.53
C GLN B 35 -1.00 -2.55 0.82
N LEU B 36 -1.63 -3.48 1.50
CA LEU B 36 -1.79 -4.78 0.86
C LEU B 36 -2.69 -4.65 -0.36
N LEU B 37 -3.73 -3.82 -0.30
CA LEU B 37 -4.62 -3.67 -1.50
C LEU B 37 -3.94 -3.01 -2.72
N SER B 38 -3.16 -1.96 -2.49
CA SER B 38 -2.40 -1.35 -3.58
C SER B 38 -1.27 -2.27 -4.05
N ASP B 39 -0.59 -2.99 -3.14
CA ASP B 39 0.43 -4.01 -3.53
C ASP B 39 -0.22 -5.04 -4.47
N ILE B 40 -1.44 -5.43 -4.13
CA ILE B 40 -2.21 -6.39 -4.96
C ILE B 40 -2.43 -5.89 -6.39
N VAL B 41 -2.83 -4.63 -6.54
CA VAL B 41 -2.94 -4.03 -7.86
C VAL B 41 -1.57 -4.07 -8.56
N VAL B 42 -0.51 -3.68 -7.85
CA VAL B 42 0.81 -3.61 -8.41
C VAL B 42 1.25 -4.95 -8.90
N ALA B 43 0.99 -5.99 -8.10
CA ALA B 43 1.38 -7.35 -8.41
C ALA B 43 0.53 -8.01 -9.51
N GLY B 44 -0.69 -7.53 -9.71
CA GLY B 44 -1.54 -7.99 -10.81
C GLY B 44 -2.64 -8.96 -10.40
N PHE B 45 -3.08 -8.89 -9.14
CA PHE B 45 -4.19 -9.73 -8.65
C PHE B 45 -5.47 -8.91 -8.58
N GLN B 46 -6.62 -9.62 -8.60
CA GLN B 46 -7.95 -9.02 -8.68
C GLN B 46 -8.65 -8.87 -7.33
N GLY B 47 -8.08 -9.44 -6.28
CA GLY B 47 -8.75 -9.35 -4.98
C GLY B 47 -8.02 -10.09 -3.88
N THR B 48 -8.64 -10.08 -2.71
CA THR B 48 -8.06 -10.68 -1.52
C THR B 48 -9.15 -11.36 -0.70
N GLU B 49 -8.74 -11.88 0.45
CA GLU B 49 -9.67 -12.41 1.43
C GLU B 49 -9.63 -11.49 2.66
N VAL B 50 -10.59 -11.65 3.55
CA VAL B 50 -10.71 -10.73 4.68
C VAL B 50 -9.74 -11.10 5.80
N GLY B 51 -8.88 -10.15 6.15
CA GLY B 51 -8.03 -10.26 7.32
C GLY B 51 -8.73 -9.84 8.59
N GLY B 52 -8.37 -10.45 9.69
CA GLY B 52 -8.93 -10.09 10.96
C GLY B 52 -8.83 -8.63 11.27
N PHE B 53 -7.77 -8.00 10.81
CA PHE B 53 -7.54 -6.57 11.07
C PHE B 53 -8.31 -5.63 10.13
N PHE B 54 -9.04 -6.19 9.17
CA PHE B 54 -9.77 -5.37 8.22
C PHE B 54 -10.90 -4.58 8.89
N PRO B 55 -11.31 -3.44 8.30
CA PRO B 55 -12.42 -2.64 8.86
C PRO B 55 -13.79 -3.19 8.49
N GLY B 56 -14.85 -2.45 8.87
CA GLY B 56 -16.21 -2.86 8.52
C GLY B 56 -16.44 -2.64 7.05
N PRO B 57 -17.61 -3.08 6.56
CA PRO B 57 -17.92 -3.07 5.12
C PRO B 57 -17.85 -1.71 4.43
N GLU B 58 -18.29 -0.65 5.11
CA GLU B 58 -18.33 0.66 4.45
C GLU B 58 -16.90 1.13 4.07
N LYS B 59 -16.00 1.08 5.03
CA LYS B 59 -14.62 1.41 4.80
C LYS B 59 -13.95 0.46 3.82
N LEU B 60 -14.22 -0.83 3.95
CA LEU B 60 -13.53 -1.83 3.17
C LEU B 60 -13.99 -1.71 1.71
N ASN B 61 -15.30 -1.61 1.50
CA ASN B 61 -15.86 -1.43 0.15
C ASN B 61 -15.30 -0.16 -0.53
N TYR B 62 -15.18 0.90 0.24
CA TYR B 62 -14.62 2.14 -0.30
C TYR B 62 -13.17 1.96 -0.78
N GLU B 63 -12.33 1.38 0.06
CA GLU B 63 -10.92 1.13 -0.30
C GLU B 63 -10.78 0.17 -1.48
N LEU B 64 -11.64 -0.84 -1.52
CA LEU B 64 -11.66 -1.79 -2.62
C LEU B 64 -12.02 -1.09 -3.91
N LYS B 65 -13.06 -0.26 -3.86
CA LYS B 65 -13.58 0.43 -5.04
C LYS B 65 -12.57 1.38 -5.63
N LEU B 66 -11.75 2.03 -4.77
CA LEU B 66 -10.71 2.92 -5.25
C LEU B 66 -9.74 2.16 -6.15
N ARG B 67 -9.58 0.86 -5.86
CA ARG B 67 -8.56 0.03 -6.52
C ARG B 67 -9.13 -1.00 -7.53
N ASN B 68 -10.44 -0.95 -7.75
CA ASN B 68 -11.14 -1.95 -8.57
C ASN B 68 -10.86 -3.39 -8.15
N LEU B 69 -10.89 -3.63 -6.84
CA LEU B 69 -10.64 -4.95 -6.30
C LEU B 69 -11.88 -5.55 -5.68
N GLU B 70 -11.81 -6.86 -5.43
CA GLU B 70 -12.92 -7.59 -4.84
C GLU B 70 -12.44 -8.48 -3.72
N ILE B 71 -13.40 -8.95 -2.93
CA ILE B 71 -13.17 -9.90 -1.84
C ILE B 71 -13.62 -11.29 -2.29
N ALA B 72 -12.71 -12.27 -2.18
CA ALA B 72 -12.94 -13.64 -2.57
C ALA B 72 -13.69 -14.40 -1.48
N GLY B 73 -13.40 -14.07 -0.23
CA GLY B 73 -14.07 -14.75 0.85
C GLY B 73 -13.48 -14.41 2.19
N GLN B 74 -13.95 -15.15 3.18
CA GLN B 74 -13.50 -14.92 4.57
C GLN B 74 -13.57 -16.23 5.35
N TRP B 75 -12.51 -16.45 6.14
CA TRP B 75 -12.41 -17.52 7.12
C TRP B 75 -13.52 -17.42 8.20
N PHE B 76 -14.12 -18.57 8.53
CA PHE B 76 -15.02 -18.70 9.67
C PHE B 76 -14.53 -19.86 10.53
N SER B 77 -14.23 -19.59 11.81
CA SER B 77 -13.97 -20.61 12.80
C SER B 77 -15.28 -21.20 13.28
N SER B 78 -15.55 -22.43 12.90
CA SER B 78 -16.75 -23.13 13.28
C SER B 78 -16.52 -23.94 14.57
N TYR B 79 -17.41 -23.81 15.55
CA TYR B 79 -17.35 -24.55 16.81
C TYR B 79 -18.66 -25.31 17.04
N ILE B 80 -19.12 -26.01 16.01
CA ILE B 80 -20.27 -26.90 16.16
C ILE B 80 -20.13 -27.88 17.34
N ILE B 81 -18.95 -28.47 17.49
CA ILE B 81 -18.74 -29.47 18.52
C ILE B 81 -18.69 -28.74 19.88
N ARG B 82 -17.93 -27.65 19.98
CA ARG B 82 -17.78 -26.99 21.25
C ARG B 82 -19.10 -26.35 21.69
N ASP B 83 -19.74 -25.60 20.78
CA ASP B 83 -20.85 -24.74 21.13
C ASP B 83 -22.24 -25.26 20.77
N GLY B 84 -22.30 -26.23 19.89
CA GLY B 84 -23.56 -26.79 19.38
C GLY B 84 -24.02 -26.11 18.11
N ILE B 85 -24.86 -26.75 17.32
CA ILE B 85 -25.21 -26.19 16.05
C ILE B 85 -25.95 -24.83 16.14
N GLU B 86 -26.79 -24.66 17.14
CA GLU B 86 -27.59 -23.45 17.26
C GLU B 86 -26.73 -22.21 17.46
N LYS B 87 -25.83 -22.28 18.43
CA LYS B 87 -24.93 -21.18 18.72
C LYS B 87 -23.92 -20.94 17.60
N ALA B 88 -23.34 -22.03 17.08
CA ALA B 88 -22.39 -21.96 15.95
C ALA B 88 -23.05 -21.32 14.74
N SER B 89 -24.29 -21.70 14.46
CA SER B 89 -25.01 -21.15 13.32
C SER B 89 -25.33 -19.66 13.43
N GLU B 90 -25.53 -19.16 14.66
CA GLU B 90 -25.75 -17.75 14.87
C GLU B 90 -24.49 -16.95 14.54
N ALA B 91 -23.35 -17.46 14.98
CA ALA B 91 -22.08 -16.85 14.62
C ALA B 91 -21.87 -16.92 13.10
N PHE B 92 -22.25 -18.04 12.49
CA PHE B 92 -22.04 -18.19 11.05
C PHE B 92 -22.86 -17.15 10.31
N GLU B 93 -24.13 -17.01 10.70
CA GLU B 93 -25.03 -16.09 10.01
C GLU B 93 -24.50 -14.65 10.04
N LYS B 94 -23.84 -14.22 11.12
CA LYS B 94 -23.19 -12.91 11.17
C LYS B 94 -22.08 -12.79 10.14
N HIS B 95 -21.31 -13.85 9.97
CA HIS B 95 -20.31 -13.86 8.92
C HIS B 95 -20.94 -13.75 7.56
N CYS B 96 -22.04 -14.46 7.37
CA CYS B 96 -22.74 -14.41 6.07
C CYS B 96 -23.20 -12.99 5.78
N GLN B 97 -23.75 -12.31 6.79
CA GLN B 97 -24.18 -10.94 6.62
C GLN B 97 -23.01 -10.02 6.21
N TYR B 98 -21.85 -10.14 6.87
CA TYR B 98 -20.66 -9.37 6.53
C TYR B 98 -20.22 -9.66 5.10
N LEU B 99 -20.11 -10.95 4.77
CA LEU B 99 -19.76 -11.40 3.43
C LEU B 99 -20.67 -10.78 2.36
N LYS B 100 -21.99 -10.83 2.56
CA LYS B 100 -22.91 -10.23 1.58
C LYS B 100 -22.70 -8.68 1.44
N ALA B 101 -22.46 -8.01 2.56
CA ALA B 101 -22.22 -6.56 2.64
C ALA B 101 -20.98 -6.10 1.83
N ILE B 102 -20.00 -6.98 1.69
CA ILE B 102 -18.80 -6.72 0.90
C ILE B 102 -18.76 -7.47 -0.45
N ASN B 103 -19.91 -8.04 -0.87
CA ASN B 103 -20.04 -8.68 -2.17
CA ASN B 103 -20.09 -8.77 -2.14
C ASN B 103 -19.09 -9.88 -2.42
N ALA B 104 -18.75 -10.59 -1.35
CA ALA B 104 -17.87 -11.77 -1.40
C ALA B 104 -18.74 -13.01 -1.62
N PRO B 105 -18.28 -13.96 -2.45
CA PRO B 105 -19.06 -15.15 -2.77
C PRO B 105 -18.98 -16.38 -1.84
N VAL B 106 -17.95 -16.46 -0.99
CA VAL B 106 -17.63 -17.70 -0.31
C VAL B 106 -17.35 -17.49 1.18
N ALA B 107 -17.95 -18.39 1.96
CA ALA B 107 -17.59 -18.55 3.38
C ALA B 107 -16.63 -19.74 3.53
N VAL B 108 -15.40 -19.46 3.94
CA VAL B 108 -14.37 -20.49 4.12
C VAL B 108 -14.43 -21.01 5.55
N VAL B 109 -14.89 -22.24 5.69
CA VAL B 109 -15.26 -22.78 6.99
C VAL B 109 -14.30 -23.90 7.42
N SER B 110 -13.82 -23.85 8.66
CA SER B 110 -13.13 -24.96 9.28
C SER B 110 -13.75 -25.23 10.67
N GLU B 111 -14.04 -26.50 11.01
CA GLU B 111 -14.42 -26.86 12.35
C GLU B 111 -13.18 -26.83 13.20
N GLN B 112 -13.16 -25.89 14.12
CA GLN B 112 -11.98 -25.55 14.88
C GLN B 112 -11.94 -26.17 16.27
N THR B 113 -13.00 -26.84 16.68
CA THR B 113 -13.04 -27.43 18.00
C THR B 113 -11.86 -28.36 18.15
N TYR B 114 -11.06 -28.19 19.21
CA TYR B 114 -9.90 -29.02 19.46
C TYR B 114 -8.70 -28.78 18.54
N THR B 115 -8.71 -27.73 17.71
CA THR B 115 -7.61 -27.51 16.83
C THR B 115 -6.37 -27.27 17.66
N ILE B 116 -5.26 -27.72 17.14
CA ILE B 116 -3.95 -27.39 17.70
C ILE B 116 -3.20 -26.32 16.89
N GLN B 117 -3.87 -25.72 15.92
CA GLN B 117 -3.17 -24.82 14.99
C GLN B 117 -2.63 -23.54 15.65
N ARG B 118 -3.19 -23.18 16.82
CA ARG B 118 -2.74 -21.99 17.55
CA ARG B 118 -2.75 -22.00 17.56
C ARG B 118 -2.02 -22.35 18.84
N SER B 119 -1.66 -23.61 18.99
CA SER B 119 -0.98 -24.10 20.18
C SER B 119 0.46 -23.62 20.24
N ASP B 120 0.90 -23.34 21.47
CA ASP B 120 2.30 -23.11 21.74
C ASP B 120 3.12 -24.39 22.02
N THR B 121 2.47 -25.54 22.14
CA THR B 121 3.15 -26.77 22.50
C THR B 121 2.90 -27.98 21.55
N ALA B 122 1.70 -28.10 21.00
CA ALA B 122 1.34 -29.28 20.21
C ALA B 122 2.12 -29.40 18.91
N ASN B 123 2.64 -30.60 18.69
CA ASN B 123 3.34 -30.99 17.50
C ASN B 123 2.33 -31.06 16.35
N ILE B 124 2.44 -30.11 15.42
CA ILE B 124 1.44 -30.01 14.35
C ILE B 124 1.32 -31.26 13.49
N PHE B 125 2.38 -32.05 13.45
CA PHE B 125 2.39 -33.25 12.61
C PHE B 125 1.88 -34.51 13.32
N LYS B 126 1.72 -34.46 14.64
CA LYS B 126 1.35 -35.63 15.46
C LYS B 126 0.18 -35.48 16.43
N ASP B 127 -0.14 -34.26 16.84
CA ASP B 127 -0.99 -34.05 18.03
C ASP B 127 -2.42 -33.64 17.72
N LYS B 128 -2.84 -33.83 16.48
CA LYS B 128 -4.13 -33.30 16.06
C LYS B 128 -5.28 -34.06 16.75
N PRO B 129 -6.46 -33.44 16.80
CA PRO B 129 -7.61 -34.18 17.27
C PRO B 129 -8.18 -35.11 16.22
N TYR B 130 -8.87 -36.12 16.70
CA TYR B 130 -9.65 -37.02 15.84
C TYR B 130 -11.11 -36.99 16.33
N PHE B 131 -12.01 -36.53 15.46
CA PHE B 131 -13.43 -36.40 15.84
C PHE B 131 -14.03 -37.80 16.05
N THR B 132 -14.87 -37.94 17.07
CA THR B 132 -15.54 -39.21 17.34
C THR B 132 -16.66 -39.34 16.32
N ASP B 133 -17.29 -40.51 16.25
CA ASP B 133 -18.42 -40.68 15.34
C ASP B 133 -19.55 -39.72 15.63
N LYS B 134 -19.83 -39.45 16.90
CA LYS B 134 -20.90 -38.54 17.25
C LYS B 134 -20.57 -37.11 16.81
N GLU B 135 -19.32 -36.70 17.05
CA GLU B 135 -18.87 -35.38 16.64
C GLU B 135 -18.90 -35.23 15.12
N TRP B 136 -18.46 -36.24 14.43
CA TRP B 136 -18.57 -36.29 12.96
C TRP B 136 -20.01 -36.07 12.51
N ASP B 137 -20.96 -36.78 13.10
CA ASP B 137 -22.36 -36.61 12.71
CA ASP B 137 -22.39 -36.62 12.77
C ASP B 137 -22.84 -35.18 12.97
N GLU B 138 -22.46 -34.60 14.12
CA GLU B 138 -22.75 -33.20 14.50
CA GLU B 138 -22.85 -33.23 14.41
C GLU B 138 -22.23 -32.21 13.43
N VAL B 139 -20.96 -32.39 13.07
CA VAL B 139 -20.30 -31.51 12.10
C VAL B 139 -20.94 -31.57 10.71
N CYS B 140 -21.25 -32.77 10.25
CA CYS B 140 -21.85 -32.92 8.92
C CYS B 140 -23.20 -32.27 8.86
N LYS B 141 -24.00 -32.49 9.90
CA LYS B 141 -25.32 -31.87 10.01
C LYS B 141 -25.21 -30.35 10.10
N GLY B 142 -24.33 -29.87 10.98
CA GLY B 142 -24.11 -28.44 11.10
C GLY B 142 -23.66 -27.79 9.80
N LEU B 143 -22.70 -28.40 9.09
CA LEU B 143 -22.18 -27.83 7.83
C LEU B 143 -23.29 -27.80 6.75
N ASN B 144 -24.10 -28.83 6.66
CA ASN B 144 -25.25 -28.78 5.73
C ASN B 144 -26.14 -27.62 6.12
N HIS B 145 -26.38 -27.41 7.41
CA HIS B 145 -27.19 -26.30 7.86
C HIS B 145 -26.53 -24.94 7.52
N TYR B 146 -25.22 -24.82 7.73
CA TYR B 146 -24.48 -23.66 7.21
C TYR B 146 -24.76 -23.41 5.73
N GLY B 147 -24.71 -24.46 4.93
CA GLY B 147 -25.04 -24.38 3.52
C GLY B 147 -26.40 -23.74 3.29
N GLU B 148 -27.39 -24.19 4.05
CA GLU B 148 -28.76 -23.65 3.97
C GLU B 148 -28.78 -22.16 4.28
N ILE B 149 -28.11 -21.78 5.35
CA ILE B 149 -28.02 -20.40 5.71
C ILE B 149 -27.33 -19.56 4.62
N ALA B 150 -26.19 -20.08 4.14
CA ALA B 150 -25.37 -19.37 3.17
C ALA B 150 -26.14 -19.08 1.88
N ALA B 151 -26.93 -20.06 1.45
CA ALA B 151 -27.77 -19.93 0.25
C ALA B 151 -28.73 -18.73 0.34
N LYS B 152 -29.22 -18.44 1.54
CA LYS B 152 -30.08 -17.29 1.74
C LYS B 152 -29.37 -15.99 1.35
N TYR B 153 -28.06 -15.94 1.55
CA TYR B 153 -27.26 -14.76 1.21
C TYR B 153 -26.57 -14.92 -0.14
N GLY B 154 -26.89 -15.96 -0.89
CA GLY B 154 -26.25 -16.22 -2.19
C GLY B 154 -24.76 -16.59 -2.09
N LEU B 155 -24.38 -17.16 -0.94
CA LEU B 155 -23.00 -17.54 -0.67
C LEU B 155 -22.82 -19.05 -0.78
N LYS B 156 -21.55 -19.45 -0.93
CA LYS B 156 -21.18 -20.87 -0.91
C LYS B 156 -20.31 -21.15 0.31
N VAL B 157 -20.54 -22.32 0.90
CA VAL B 157 -19.70 -22.85 1.98
C VAL B 157 -18.56 -23.66 1.34
N ALA B 158 -17.31 -23.30 1.65
CA ALA B 158 -16.13 -24.02 1.20
C ALA B 158 -15.39 -24.55 2.40
N TYR B 159 -15.48 -25.88 2.60
CA TYR B 159 -14.89 -26.48 3.79
C TYR B 159 -13.36 -26.53 3.62
N HIS B 160 -12.64 -25.94 4.58
CA HIS B 160 -11.17 -25.85 4.56
C HIS B 160 -10.57 -26.99 5.40
N HIS B 161 -10.14 -28.07 4.73
CA HIS B 161 -9.29 -29.12 5.33
C HIS B 161 -8.02 -28.39 5.81
N HIS B 162 -7.55 -28.76 6.99
CA HIS B 162 -6.54 -27.93 7.66
C HIS B 162 -5.67 -28.70 8.63
N MSE B 163 -4.37 -28.43 8.56
CA MSE B 163 -3.45 -29.01 9.47
C MSE B 163 -3.89 -28.77 10.93
O MSE B 163 -4.31 -27.67 11.28
CB MSE B 163 -2.02 -28.42 9.22
CG MSE B 163 -1.35 -28.85 7.87
SE MSE B 163 -1.09 -30.71 7.74
CE MSE B 163 -0.16 -30.98 9.50
N GLY B 164 -3.83 -29.83 11.75
CA GLY B 164 -4.09 -29.73 13.19
C GLY B 164 -5.56 -29.69 13.57
N THR B 165 -6.46 -29.98 12.61
CA THR B 165 -7.89 -30.05 12.89
C THR B 165 -8.37 -31.49 12.68
N GLY B 166 -9.61 -31.74 13.04
CA GLY B 166 -10.27 -33.03 12.90
C GLY B 166 -10.45 -33.39 11.45
N ILE B 167 -10.41 -32.39 10.56
CA ILE B 167 -10.54 -32.66 9.11
C ILE B 167 -9.30 -32.11 8.40
N GLN B 168 -8.30 -32.97 8.32
CA GLN B 168 -7.00 -32.65 7.76
C GLN B 168 -6.61 -33.52 6.57
N THR B 169 -6.71 -34.85 6.71
CA THR B 169 -6.13 -35.78 5.72
C THR B 169 -7.14 -35.94 4.58
N LYS B 170 -6.70 -36.51 3.48
CA LYS B 170 -7.63 -36.85 2.40
C LYS B 170 -8.74 -37.78 2.89
N GLU B 171 -8.38 -38.78 3.68
CA GLU B 171 -9.32 -39.78 4.24
CA GLU B 171 -9.38 -39.76 4.15
C GLU B 171 -10.43 -39.09 5.01
N GLU B 172 -10.03 -38.15 5.87
CA GLU B 172 -10.97 -37.34 6.61
C GLU B 172 -11.86 -36.47 5.70
N THR B 173 -11.24 -35.84 4.70
CA THR B 173 -11.97 -35.01 3.76
C THR B 173 -12.97 -35.87 2.94
N ASP B 174 -12.55 -37.08 2.59
CA ASP B 174 -13.45 -38.05 1.92
C ASP B 174 -14.70 -38.34 2.75
N ARG B 175 -14.50 -38.47 4.06
CA ARG B 175 -15.56 -38.75 5.00
C ARG B 175 -16.58 -37.59 5.06
N LEU B 176 -16.04 -36.38 5.18
CA LEU B 176 -16.83 -35.16 5.15
C LEU B 176 -17.62 -35.09 3.85
N MSE B 177 -16.97 -35.35 2.74
CA MSE B 177 -17.65 -35.22 1.44
C MSE B 177 -18.75 -36.25 1.28
O MSE B 177 -19.82 -35.93 0.74
CB MSE B 177 -16.64 -35.35 0.29
CG MSE B 177 -15.71 -34.13 0.12
SE MSE B 177 -16.43 -32.48 -0.34
CE MSE B 177 -16.81 -31.64 1.38
N ALA B 178 -18.49 -37.45 1.77
CA ALA B 178 -19.41 -38.56 1.64
C ALA B 178 -20.66 -38.39 2.53
N ASN B 179 -20.55 -37.54 3.54
CA ASN B 179 -21.60 -37.34 4.53
C ASN B 179 -22.20 -35.94 4.60
N THR B 180 -22.00 -35.15 3.55
CA THR B 180 -22.64 -33.85 3.46
C THR B 180 -23.29 -33.75 2.08
N ASP B 181 -24.22 -32.83 1.96
CA ASP B 181 -24.95 -32.59 0.72
C ASP B 181 -24.10 -31.72 -0.23
N PRO B 182 -23.82 -32.22 -1.46
CA PRO B 182 -23.05 -31.42 -2.44
C PRO B 182 -23.66 -30.08 -2.75
N LYS B 183 -24.97 -29.96 -2.62
CA LYS B 183 -25.63 -28.71 -2.87
C LYS B 183 -25.38 -27.74 -1.74
N LEU B 184 -25.00 -28.25 -0.59
CA LEU B 184 -24.87 -27.41 0.60
C LEU B 184 -23.42 -27.18 1.06
N VAL B 185 -22.56 -28.18 0.88
CA VAL B 185 -21.19 -28.09 1.36
C VAL B 185 -20.19 -28.34 0.24
N GLY B 186 -19.42 -27.31 -0.10
CA GLY B 186 -18.37 -27.43 -1.08
C GLY B 186 -17.05 -27.52 -0.36
N LEU B 187 -16.02 -27.79 -1.17
CA LEU B 187 -14.67 -27.95 -0.69
C LEU B 187 -13.80 -26.74 -1.02
N LEU B 188 -13.01 -26.31 -0.02
CA LEU B 188 -11.89 -25.42 -0.29
CA LEU B 188 -11.90 -25.42 -0.27
C LEU B 188 -10.70 -26.33 -0.48
N TYR B 189 -10.17 -26.38 -1.69
CA TYR B 189 -8.98 -27.18 -1.94
C TYR B 189 -7.75 -26.28 -1.63
N ASP B 190 -6.95 -26.70 -0.69
CA ASP B 190 -5.71 -25.99 -0.36
C ASP B 190 -4.53 -26.91 -0.60
N THR B 191 -3.71 -26.56 -1.60
CA THR B 191 -2.54 -27.36 -2.00
C THR B 191 -1.55 -27.62 -0.86
N GLY B 192 -1.34 -26.61 -0.04
CA GLY B 192 -0.29 -26.68 0.99
C GLY B 192 -0.66 -27.53 2.18
N HIS B 193 -1.90 -27.38 2.65
CA HIS B 193 -2.42 -28.17 3.74
C HIS B 193 -2.45 -29.65 3.40
N ILE B 194 -2.85 -30.00 2.18
CA ILE B 194 -2.92 -31.40 1.85
C ILE B 194 -1.52 -31.96 1.57
N ALA B 195 -0.64 -31.14 0.96
CA ALA B 195 0.72 -31.56 0.62
C ALA B 195 1.47 -31.87 1.90
N VAL B 196 1.32 -31.03 2.90
CA VAL B 196 1.97 -31.31 4.17
C VAL B 196 1.31 -32.50 4.86
N SER B 197 -0.02 -32.57 4.87
CA SER B 197 -0.73 -33.66 5.55
C SER B 197 -0.33 -35.04 4.98
N ASP B 198 -0.46 -35.18 3.67
CA ASP B 198 -0.48 -36.48 2.98
C ASP B 198 0.67 -36.66 1.97
N GLY B 199 1.47 -35.63 1.66
CA GLY B 199 2.55 -35.76 0.70
C GLY B 199 2.00 -35.42 -0.66
N ASP B 200 1.26 -36.37 -1.23
CA ASP B 200 0.48 -36.21 -2.46
C ASP B 200 -0.61 -35.16 -2.25
N TYR B 201 -0.67 -34.17 -3.13
CA TYR B 201 -1.71 -33.17 -3.10
C TYR B 201 -2.73 -33.40 -4.25
N MSE B 202 -2.40 -34.25 -5.22
CA MSE B 202 -3.30 -34.41 -6.38
C MSE B 202 -4.48 -35.37 -6.09
O MSE B 202 -5.57 -35.18 -6.64
CB MSE B 202 -2.53 -34.87 -7.61
CG MSE B 202 -1.68 -33.73 -8.28
SE MSE B 202 -2.67 -32.18 -8.78
CE MSE B 202 -4.04 -33.01 -10.09
N ALA B 203 -4.24 -36.38 -5.27
CA ALA B 203 -5.27 -37.40 -4.99
C ALA B 203 -6.57 -36.73 -4.49
N LEU B 204 -6.43 -35.84 -3.52
CA LEU B 204 -7.59 -35.10 -2.99
C LEU B 204 -8.36 -34.35 -4.05
N LEU B 205 -7.64 -33.61 -4.88
CA LEU B 205 -8.23 -32.82 -5.94
C LEU B 205 -8.97 -33.69 -6.96
N ASN B 206 -8.37 -34.80 -7.33
CA ASN B 206 -8.95 -35.67 -8.39
C ASN B 206 -10.19 -36.37 -7.84
N ALA B 207 -10.15 -36.72 -6.54
CA ALA B 207 -11.28 -37.33 -5.85
C ALA B 207 -12.49 -36.43 -5.75
N HIS B 208 -12.31 -35.10 -5.67
CA HIS B 208 -13.40 -34.23 -5.26
C HIS B 208 -13.51 -32.99 -6.12
N ILE B 209 -12.94 -33.06 -7.32
CA ILE B 209 -12.95 -31.93 -8.23
C ILE B 209 -14.34 -31.33 -8.36
N ASP B 210 -15.36 -32.20 -8.39
CA ASP B 210 -16.76 -31.82 -8.57
CA ASP B 210 -16.72 -31.72 -8.62
C ASP B 210 -17.33 -30.97 -7.44
N ARG B 211 -16.70 -31.07 -6.26
CA ARG B 211 -17.11 -30.36 -5.07
C ARG B 211 -16.28 -29.08 -4.76
N VAL B 212 -15.19 -28.86 -5.49
CA VAL B 212 -14.29 -27.72 -5.25
C VAL B 212 -14.99 -26.43 -5.68
N VAL B 213 -15.17 -25.52 -4.72
CA VAL B 213 -15.81 -24.25 -4.97
C VAL B 213 -14.94 -23.00 -4.73
N HIS B 214 -13.80 -23.22 -4.11
CA HIS B 214 -12.82 -22.19 -3.72
C HIS B 214 -11.46 -22.89 -3.63
N VAL B 215 -10.39 -22.23 -4.08
CA VAL B 215 -9.07 -22.85 -4.15
C VAL B 215 -8.03 -21.91 -3.53
N HIS B 216 -7.18 -22.49 -2.70
CA HIS B 216 -5.99 -21.76 -2.16
C HIS B 216 -4.71 -22.39 -2.69
N PHE B 217 -3.88 -21.57 -3.32
CA PHE B 217 -2.57 -21.99 -3.75
C PHE B 217 -1.56 -21.58 -2.68
N LYS B 218 -1.13 -22.55 -1.93
CA LYS B 218 -0.13 -22.44 -0.88
C LYS B 218 1.01 -23.37 -1.26
N ASP B 219 2.20 -22.82 -1.43
CA ASP B 219 3.37 -23.62 -1.78
C ASP B 219 4.10 -24.05 -0.50
N VAL B 220 4.91 -25.09 -0.64
CA VAL B 220 5.63 -25.70 0.46
C VAL B 220 7.14 -25.72 0.17
N ARG B 221 7.95 -25.29 1.14
CA ARG B 221 9.37 -25.57 1.09
C ARG B 221 9.58 -26.95 1.72
N ARG B 222 9.75 -27.99 0.88
CA ARG B 222 9.87 -29.36 1.42
C ARG B 222 11.03 -29.51 2.44
N SER B 223 12.19 -28.91 2.20
CA SER B 223 13.26 -29.00 3.16
C SER B 223 12.88 -28.46 4.53
N LYS B 224 12.14 -27.36 4.56
CA LYS B 224 11.69 -26.75 5.82
C LYS B 224 10.58 -27.61 6.44
N GLU B 225 9.67 -28.15 5.64
CA GLU B 225 8.74 -29.14 6.17
C GLU B 225 9.45 -30.27 6.92
N GLU B 226 10.47 -30.84 6.27
CA GLU B 226 11.25 -31.91 6.80
C GLU B 226 11.88 -31.53 8.14
N GLU B 227 12.45 -30.35 8.18
CA GLU B 227 13.09 -29.84 9.38
C GLU B 227 12.06 -29.62 10.51
N CYS B 228 10.92 -29.01 10.18
CA CYS B 228 9.85 -28.79 11.17
C CYS B 228 9.29 -30.11 11.71
N ARG B 229 9.12 -31.08 10.84
CA ARG B 229 8.70 -32.43 11.26
C ARG B 229 9.67 -33.06 12.24
N ALA B 230 10.95 -32.98 11.90
CA ALA B 230 11.99 -33.54 12.74
C ALA B 230 12.02 -32.88 14.12
N LYS B 231 11.76 -31.58 14.16
CA LYS B 231 11.70 -30.82 15.42
C LYS B 231 10.36 -30.91 16.15
N GLY B 232 9.33 -31.47 15.49
CA GLY B 232 8.01 -31.54 16.08
C GLY B 232 7.40 -30.19 16.39
N LEU B 233 7.55 -29.22 15.48
CA LEU B 233 7.14 -27.88 15.80
C LEU B 233 5.61 -27.76 15.78
N THR B 234 5.15 -26.66 16.36
CA THR B 234 3.78 -26.23 16.28
C THR B 234 3.54 -25.68 14.83
N PHE B 235 2.28 -25.46 14.52
CA PHE B 235 1.88 -24.92 13.22
C PHE B 235 2.51 -23.55 13.00
N GLN B 236 2.43 -22.71 14.02
CA GLN B 236 2.98 -21.36 14.02
C GLN B 236 4.50 -21.42 13.96
N GLY B 237 5.13 -22.29 14.76
CA GLY B 237 6.57 -22.52 14.66
C GLY B 237 7.01 -22.92 13.27
N SER B 238 6.20 -23.74 12.62
CA SER B 238 6.50 -24.25 11.30
C SER B 238 6.40 -23.18 10.23
N PHE B 239 5.33 -22.36 10.22
CA PHE B 239 5.24 -21.29 9.23
C PHE B 239 6.22 -20.16 9.47
N LEU B 240 6.56 -19.93 10.74
CA LEU B 240 7.66 -19.01 11.03
C LEU B 240 9.06 -19.60 10.67
N ASN B 241 9.15 -20.90 10.51
CA ASN B 241 10.40 -21.54 10.08
C ASN B 241 10.37 -21.82 8.55
N GLY B 242 9.44 -21.21 7.83
CA GLY B 242 9.50 -21.17 6.37
C GLY B 242 8.84 -22.34 5.65
N MSE B 243 8.03 -23.10 6.35
CA MSE B 243 7.38 -24.25 5.71
C MSE B 243 6.53 -23.86 4.51
O MSE B 243 6.44 -24.65 3.52
CB MSE B 243 6.60 -25.07 6.73
CG MSE B 243 5.84 -26.26 6.13
SE MSE B 243 5.36 -27.56 7.45
CE MSE B 243 3.92 -26.73 8.10
N PHE B 244 5.90 -22.69 4.55
CA PHE B 244 5.03 -22.27 3.46
C PHE B 244 5.53 -21.05 2.71
N THR B 245 5.16 -20.96 1.45
CA THR B 245 5.45 -19.80 0.65
C THR B 245 4.49 -19.80 -0.53
N VAL B 246 4.70 -18.84 -1.42
CA VAL B 246 3.85 -18.67 -2.60
C VAL B 246 4.30 -19.54 -3.74
N PRO B 247 3.35 -19.86 -4.67
CA PRO B 247 3.74 -20.53 -5.86
C PRO B 247 4.89 -19.82 -6.56
N GLY B 248 5.82 -20.59 -7.10
CA GLY B 248 6.99 -20.02 -7.75
C GLY B 248 8.13 -19.86 -6.78
N ASP B 249 7.87 -19.99 -5.50
CA ASP B 249 8.92 -19.84 -4.47
C ASP B 249 9.21 -21.11 -3.67
N GLY B 250 8.34 -22.10 -3.80
CA GLY B 250 8.52 -23.38 -3.12
C GLY B 250 8.65 -24.53 -4.11
N ASP B 251 8.21 -25.73 -3.70
CA ASP B 251 8.56 -26.97 -4.38
C ASP B 251 7.40 -27.62 -5.09
N LEU B 252 6.17 -27.15 -4.86
CA LEU B 252 5.00 -27.81 -5.51
C LEU B 252 4.79 -27.33 -6.95
N ASP B 253 4.30 -28.24 -7.80
CA ASP B 253 3.98 -27.94 -9.17
C ASP B 253 2.48 -27.67 -9.26
N PHE B 254 2.12 -26.43 -9.55
CA PHE B 254 0.72 -26.09 -9.61
C PHE B 254 0.10 -26.36 -10.99
N LYS B 255 0.92 -26.72 -11.97
CA LYS B 255 0.35 -26.86 -13.33
C LYS B 255 -0.70 -27.94 -13.42
N PRO B 256 -0.46 -29.13 -12.84
CA PRO B 256 -1.53 -30.14 -12.80
C PRO B 256 -2.78 -29.72 -12.06
N VAL B 257 -2.62 -28.93 -11.01
CA VAL B 257 -3.75 -28.40 -10.26
C VAL B 257 -4.60 -27.49 -11.15
N TYR B 258 -3.96 -26.48 -11.73
CA TYR B 258 -4.59 -25.55 -12.61
C TYR B 258 -5.25 -26.26 -13.81
N ASP B 259 -4.52 -27.18 -14.41
CA ASP B 259 -5.04 -27.87 -15.62
C ASP B 259 -6.31 -28.65 -15.30
N LYS B 260 -6.31 -29.28 -14.13
CA LYS B 260 -7.46 -30.04 -13.59
C LYS B 260 -8.68 -29.14 -13.40
N LEU B 261 -8.45 -27.98 -12.79
CA LEU B 261 -9.49 -26.97 -12.59
C LEU B 261 -10.08 -26.54 -13.95
N ILE B 262 -9.19 -26.24 -14.90
CA ILE B 262 -9.60 -25.80 -16.24
C ILE B 262 -10.38 -26.91 -16.94
N ALA B 263 -9.86 -28.14 -16.89
CA ALA B 263 -10.49 -29.29 -17.54
C ALA B 263 -11.89 -29.54 -17.00
N ASN B 264 -12.14 -29.17 -15.74
CA ASN B 264 -13.46 -29.36 -15.14
C ASN B 264 -14.35 -28.10 -15.07
N ASN B 265 -13.97 -27.09 -15.84
CA ASN B 265 -14.72 -25.86 -15.97
C ASN B 265 -14.96 -25.19 -14.64
N TYR B 266 -13.93 -25.20 -13.80
CA TYR B 266 -14.03 -24.53 -12.52
C TYR B 266 -14.26 -23.03 -12.71
N LYS B 267 -15.31 -22.54 -12.08
CA LYS B 267 -15.60 -21.11 -12.06
CA LYS B 267 -15.62 -21.11 -12.05
C LYS B 267 -15.55 -20.65 -10.60
N GLY B 268 -14.64 -19.74 -10.31
CA GLY B 268 -14.47 -19.24 -8.96
C GLY B 268 -13.08 -18.64 -8.77
N TRP B 269 -12.69 -18.51 -7.51
CA TRP B 269 -11.42 -17.92 -7.13
C TRP B 269 -10.31 -18.93 -6.91
N ILE B 270 -9.11 -18.49 -7.27
CA ILE B 270 -7.89 -19.15 -6.86
C ILE B 270 -7.12 -18.08 -6.09
N VAL B 271 -6.86 -18.33 -4.82
CA VAL B 271 -6.26 -17.34 -3.93
C VAL B 271 -4.94 -17.90 -3.42
N VAL B 272 -3.88 -17.20 -3.78
CA VAL B 272 -2.55 -17.47 -3.25
C VAL B 272 -2.57 -17.09 -1.77
N GLU B 273 -2.04 -17.94 -0.91
CA GLU B 273 -2.02 -17.66 0.52
C GLU B 273 -0.80 -18.28 1.12
N ALA B 274 0.02 -17.48 1.82
CA ALA B 274 1.18 -18.04 2.43
C ALA B 274 1.54 -17.27 3.68
N GLU B 275 1.39 -17.93 4.81
CA GLU B 275 1.74 -17.34 6.12
C GLU B 275 3.26 -17.38 6.28
N GLN B 276 3.83 -16.19 6.30
CA GLN B 276 5.26 -15.99 6.56
C GLN B 276 5.43 -14.73 7.40
N ASP B 277 6.65 -14.44 7.85
CA ASP B 277 6.95 -13.17 8.47
C ASP B 277 7.30 -12.20 7.35
N PRO B 278 6.50 -11.13 7.15
CA PRO B 278 6.75 -10.25 6.01
C PRO B 278 8.04 -9.43 6.10
N SER B 279 8.60 -9.36 7.31
CA SER B 279 9.93 -8.77 7.46
C SER B 279 11.00 -9.65 6.84
N LYS B 280 10.69 -10.92 6.58
CA LYS B 280 11.65 -11.86 5.99
C LYS B 280 11.27 -12.22 4.56
N ALA B 281 9.97 -12.36 4.32
CA ALA B 281 9.46 -12.66 2.98
C ALA B 281 8.61 -11.48 2.56
N ASN B 282 9.22 -10.52 1.86
CA ASN B 282 8.57 -9.27 1.54
C ASN B 282 7.27 -9.50 0.80
N PRO B 283 6.14 -8.99 1.35
CA PRO B 283 4.83 -9.40 0.78
C PRO B 283 4.59 -8.93 -0.64
N LEU B 284 5.07 -7.74 -1.03
CA LEU B 284 4.92 -7.40 -2.46
C LEU B 284 5.79 -8.32 -3.32
N GLU B 285 7.04 -8.51 -2.92
CA GLU B 285 7.92 -9.40 -3.70
C GLU B 285 7.28 -10.80 -3.82
N MSE B 286 6.75 -11.33 -2.73
CA MSE B 286 6.06 -12.62 -2.83
C MSE B 286 4.90 -12.59 -3.80
O MSE B 286 4.74 -13.53 -4.58
CB MSE B 286 5.56 -13.08 -1.51
CG MSE B 286 6.62 -13.46 -0.49
SE MSE B 286 7.81 -14.83 -0.96
CE MSE B 286 9.44 -13.68 -0.98
N ALA B 287 4.11 -11.50 -3.77
CA ALA B 287 2.97 -11.39 -4.67
C ALA B 287 3.44 -11.40 -6.14
N GLN B 288 4.59 -10.75 -6.38
CA GLN B 288 5.17 -10.61 -7.70
C GLN B 288 5.75 -11.93 -8.21
N ILE B 289 6.39 -12.67 -7.30
CA ILE B 289 6.89 -14.04 -7.61
C ILE B 289 5.71 -14.92 -8.05
N ALA B 290 4.61 -14.85 -7.27
CA ALA B 290 3.39 -15.64 -7.58
C ALA B 290 2.77 -15.26 -8.89
N HIS B 291 2.61 -13.96 -9.15
CA HIS B 291 2.02 -13.49 -10.39
C HIS B 291 2.81 -14.05 -11.58
N ARG B 292 4.12 -13.90 -11.53
CA ARG B 292 4.98 -14.37 -12.63
C ARG B 292 4.87 -15.87 -12.91
N TYR B 293 4.86 -16.65 -11.84
CA TYR B 293 4.75 -18.09 -11.89
C TYR B 293 3.42 -18.46 -12.55
N ILE B 294 2.34 -17.84 -12.08
CA ILE B 294 0.99 -18.13 -12.58
C ILE B 294 0.90 -17.77 -14.08
N LYS B 295 1.38 -16.58 -14.42
CA LYS B 295 1.39 -16.13 -15.81
C LYS B 295 2.19 -17.07 -16.70
N GLN B 296 3.40 -17.41 -16.26
CA GLN B 296 4.30 -18.14 -17.13
CA GLN B 296 4.41 -18.15 -17.04
C GLN B 296 4.21 -19.66 -17.07
N HIS B 297 3.94 -20.25 -15.90
CA HIS B 297 3.88 -21.70 -15.74
C HIS B 297 2.45 -22.24 -15.90
N LEU B 298 1.43 -21.41 -15.62
CA LEU B 298 0.04 -21.89 -15.59
C LEU B 298 -0.83 -21.40 -16.72
N ILE B 299 -1.03 -20.09 -16.82
CA ILE B 299 -1.98 -19.55 -17.78
C ILE B 299 -1.41 -19.72 -19.18
N GLU B 300 -2.27 -20.20 -20.07
CA GLU B 300 -1.87 -20.62 -21.40
C GLU B 300 -2.27 -19.62 -22.47
N ASN B 301 -3.51 -19.14 -22.41
CA ASN B 301 -3.98 -18.05 -23.29
C ASN B 301 -3.61 -16.69 -22.69
C1 EDO C . 14.76 9.66 5.59
O1 EDO C . 14.41 10.88 6.26
C2 EDO C . 15.95 9.06 6.29
O2 EDO C . 16.45 9.99 7.26
C1 EDO D . 19.91 11.74 5.85
O1 EDO D . 20.10 12.31 7.15
C2 EDO D . 18.99 12.62 5.01
O2 EDO D . 17.67 12.05 4.97
C ACT E . -17.22 -10.73 10.39
O ACT E . -16.01 -10.41 10.41
OXT ACT E . -17.52 -11.52 9.45
CH3 ACT E . -18.22 -10.20 11.39
C1 EDO F . -2.16 -13.64 -11.21
O1 EDO F . -1.57 -12.34 -11.08
C2 EDO F . -3.15 -13.67 -12.35
O2 EDO F . -2.63 -13.04 -13.53
C1 EDO G . 9.34 -11.19 -9.33
O1 EDO G . 10.35 -11.10 -8.32
C2 EDO G . 9.49 -12.51 -10.05
O2 EDO G . 10.44 -12.35 -11.12
C1 EDO H . -22.21 -26.38 -4.03
O1 EDO H . -22.06 -25.29 -4.97
C2 EDO H . -21.55 -26.04 -2.71
O2 EDO H . -21.70 -24.65 -2.41
C1 EDO I . -33.11 -19.95 23.14
O1 EDO I . -33.89 -20.86 22.34
C2 EDO I . -31.81 -20.64 23.53
O2 EDO I . -30.84 -20.57 22.47
#